data_6Z07
#
_entry.id   6Z07
#
_cell.length_a   120.790
_cell.length_b   120.790
_cell.length_c   114.393
_cell.angle_alpha   90.000
_cell.angle_beta   90.000
_cell.angle_gamma   120.000
#
_symmetry.space_group_name_H-M   'P 65 2 2'
#
loop_
_entity.id
_entity.type
_entity.pdbx_description
1 polymer 'Transcriptional regulator MvfR'
2 non-polymer 3-[(2-~{tert}-butyl-1,3-thiazol-4-yl)methyl]-6-chloranyl-quinazolin-4-one
3 non-polymer GLYCEROL
4 water water
#
_entity_poly.entity_id   1
_entity_poly.type   'polypeptide(L)'
_entity_poly.pdbx_seq_one_letter_code
;MGSSHHHHHHSSGLVPRGSHMASNLRVLLDTAIPPSFCDTVSSVLLDDFNMVSLIRTSPADSLATIKQDNAEIDIAITID
EELKISRFNQCVLGYTKAFVVAHPQHPLCNASLHSIASLANYRQISLGSRSGQHSNLLRPVSDKVLFVENFDDMLRLVEA
GVGWGIAPHYFVEERLRNGTLAVLSELYEPGGIDTKVYCYYNTALESERSFLRFLESARQRLRELGRQRFDDAPAWQPS
;
_entity_poly.pdbx_strand_id   AAA
#
loop_
_chem_comp.id
_chem_comp.type
_chem_comp.name
_chem_comp.formula
GOL non-polymer GLYCEROL 'C3 H8 O3'
Q4E non-polymer 3-[(2-~{tert}-butyl-1,3-thiazol-4-yl)methyl]-6-chloranyl-quinazolin-4-one 'C16 H16 Cl N3 O S'
#
# COMPACT_ATOMS: atom_id res chain seq x y z
N ASN A 24 25.16 -8.06 -2.17
CA ASN A 24 24.40 -6.79 -1.88
C ASN A 24 22.99 -6.78 -2.50
N LEU A 25 21.93 -6.60 -1.70
CA LEU A 25 20.53 -6.82 -2.13
C LEU A 25 19.66 -5.59 -1.85
N ARG A 26 18.86 -5.16 -2.83
CA ARG A 26 17.98 -3.96 -2.75
C ARG A 26 16.53 -4.43 -2.65
N VAL A 27 15.81 -3.93 -1.67
CA VAL A 27 14.42 -4.31 -1.36
C VAL A 27 13.58 -3.06 -1.24
N LEU A 28 12.40 -3.08 -1.85
CA LEU A 28 11.53 -1.90 -1.94
C LEU A 28 10.24 -2.27 -1.23
N LEU A 29 9.87 -1.52 -0.20
CA LEU A 29 8.57 -1.67 0.47
C LEU A 29 7.75 -0.41 0.25
N ASP A 30 6.56 -0.52 -0.34
CA ASP A 30 5.72 0.69 -0.48
C ASP A 30 5.15 1.01 0.90
N THR A 31 4.64 2.24 1.05
CA THR A 31 4.28 2.87 2.33
C THR A 31 2.93 2.34 2.79
N ALA A 32 2.39 1.32 2.12
CA ALA A 32 1.12 0.67 2.52
C ALA A 32 1.41 -0.61 3.32
N ILE A 33 2.64 -1.11 3.23
CA ILE A 33 3.16 -2.28 4.01
C ILE A 33 3.49 -1.81 5.42
N PRO A 34 2.80 -2.33 6.47
CA PRO A 34 3.09 -1.92 7.85
C PRO A 34 4.57 -2.06 8.16
N PRO A 35 5.19 -1.10 8.87
CA PRO A 35 6.66 -1.13 9.02
C PRO A 35 7.05 -2.24 10.01
N SER A 36 6.08 -2.79 10.74
CA SER A 36 6.24 -4.03 11.51
C SER A 36 6.68 -5.14 10.56
N PHE A 37 5.95 -5.34 9.46
CA PHE A 37 6.38 -6.29 8.40
C PHE A 37 7.85 -6.04 8.04
N CYS A 38 8.17 -4.78 7.81
CA CYS A 38 9.49 -4.33 7.30
C CYS A 38 10.63 -4.91 8.17
N ASP A 39 10.35 -5.42 9.38
CA ASP A 39 11.36 -6.10 10.25
C ASP A 39 11.46 -7.58 9.95
N THR A 40 10.30 -8.18 9.69
CA THR A 40 10.09 -9.65 9.50
C THR A 40 11.10 -10.21 8.49
N VAL A 41 11.11 -9.64 7.29
CA VAL A 41 12.17 -9.80 6.24
C VAL A 41 13.58 -9.45 6.77
N SER A 42 13.74 -8.25 7.34
CA SER A 42 15.07 -7.65 7.57
C SER A 42 15.85 -8.63 8.44
N SER A 43 15.21 -9.26 9.43
CA SER A 43 15.88 -10.24 10.35
C SER A 43 16.30 -11.50 9.60
N VAL A 44 15.60 -11.80 8.50
CA VAL A 44 15.73 -13.07 7.73
C VAL A 44 16.83 -12.86 6.70
N LEU A 45 16.66 -11.79 5.93
CA LEU A 45 17.50 -11.50 4.75
C LEU A 45 18.97 -11.36 5.18
N LEU A 46 19.27 -10.91 6.42
CA LEU A 46 20.66 -10.65 6.88
C LEU A 46 21.35 -11.95 7.30
N ASP A 47 20.56 -12.98 7.63
CA ASP A 47 21.06 -14.37 7.80
C ASP A 47 21.81 -14.76 6.51
N ASP A 48 21.19 -14.49 5.36
CA ASP A 48 21.63 -14.96 4.02
C ASP A 48 22.48 -13.92 3.33
N PHE A 49 22.12 -12.64 3.40
CA PHE A 49 22.80 -11.56 2.65
C PHE A 49 23.64 -10.72 3.61
N ASN A 50 24.66 -10.06 3.05
CA ASN A 50 25.69 -9.32 3.80
C ASN A 50 25.27 -7.87 3.94
N MET A 51 24.74 -7.37 2.84
CA MET A 51 24.17 -6.00 2.74
C MET A 51 22.75 -6.13 2.18
N VAL A 52 21.80 -5.53 2.89
CA VAL A 52 20.37 -5.49 2.52
C VAL A 52 19.88 -4.05 2.58
N SER A 53 19.55 -3.45 1.45
CA SER A 53 19.09 -2.03 1.38
C SER A 53 17.55 -1.98 1.31
N LEU A 54 16.91 -1.42 2.34
CA LEU A 54 15.43 -1.21 2.40
C LEU A 54 15.07 0.19 1.86
N ILE A 55 14.15 0.25 0.89
CA ILE A 55 13.71 1.51 0.21
C ILE A 55 12.19 1.64 0.26
N ARG A 56 11.69 2.69 0.94
CA ARG A 56 10.27 3.08 0.95
C ARG A 56 9.93 3.87 -0.33
N THR A 57 8.72 3.67 -0.84
CA THR A 57 8.17 4.36 -2.02
C THR A 57 6.64 4.42 -1.89
N SER A 58 6.00 5.42 -2.51
CA SER A 58 4.53 5.46 -2.64
C SER A 58 4.12 4.17 -3.34
N PRO A 59 2.97 3.58 -2.96
CA PRO A 59 2.43 2.46 -3.72
C PRO A 59 2.31 2.86 -5.20
N ALA A 60 2.10 4.16 -5.46
CA ALA A 60 1.94 4.75 -6.81
C ALA A 60 3.26 4.74 -7.58
N ASP A 61 4.37 4.58 -6.87
CA ASP A 61 5.71 4.68 -7.46
C ASP A 61 6.42 3.33 -7.45
N SER A 62 5.91 2.34 -6.71
CA SER A 62 6.59 1.04 -6.51
C SER A 62 6.92 0.43 -7.88
N LEU A 63 5.91 0.07 -8.69
CA LEU A 63 6.13 -0.64 -9.97
C LEU A 63 6.90 0.26 -10.95
N ALA A 64 6.48 1.52 -11.13
CA ALA A 64 7.20 2.52 -11.93
C ALA A 64 8.72 2.41 -11.70
N THR A 65 9.16 2.39 -10.43
CA THR A 65 10.57 2.38 -9.98
C THR A 65 11.33 1.14 -10.46
N ILE A 66 10.84 -0.06 -10.13
CA ILE A 66 11.54 -1.34 -10.42
C ILE A 66 11.70 -1.53 -11.93
N LYS A 67 10.86 -0.85 -12.73
CA LYS A 67 10.87 -0.93 -14.21
C LYS A 67 12.06 -0.12 -14.77
N GLN A 68 12.65 0.78 -13.97
CA GLN A 68 13.97 1.40 -14.30
C GLN A 68 15.10 0.43 -13.91
N ASP A 69 15.83 -0.13 -14.89
CA ASP A 69 16.88 -1.14 -14.61
C ASP A 69 17.96 -0.46 -13.76
N ASN A 70 18.32 0.77 -14.10
CA ASN A 70 19.36 1.54 -13.35
C ASN A 70 19.05 1.54 -11.84
N ALA A 71 17.79 1.41 -11.42
CA ALA A 71 17.40 1.37 -9.99
C ALA A 71 17.87 0.05 -9.33
N GLU A 72 18.12 -0.98 -10.13
CA GLU A 72 18.74 -2.24 -9.65
C GLU A 72 18.01 -2.78 -8.41
N ILE A 73 16.67 -2.68 -8.37
CA ILE A 73 15.80 -3.32 -7.32
C ILE A 73 15.76 -4.82 -7.58
N ASP A 74 15.83 -5.62 -6.53
CA ASP A 74 15.82 -7.11 -6.62
C ASP A 74 14.55 -7.66 -5.97
N ILE A 75 13.85 -6.85 -5.18
CA ILE A 75 12.59 -7.25 -4.51
C ILE A 75 11.76 -5.99 -4.28
N ALA A 76 10.49 -6.04 -4.64
CA ALA A 76 9.49 -5.03 -4.27
C ALA A 76 8.35 -5.74 -3.53
N ILE A 77 8.07 -5.29 -2.32
CA ILE A 77 6.83 -5.61 -1.58
C ILE A 77 5.91 -4.42 -1.84
N THR A 78 4.84 -4.62 -2.62
CA THR A 78 3.90 -3.51 -2.93
C THR A 78 2.48 -4.07 -3.06
N ILE A 79 1.48 -3.20 -2.84
CA ILE A 79 0.04 -3.55 -3.01
C ILE A 79 -0.40 -3.40 -4.48
N ASP A 80 0.38 -2.69 -5.28
CA ASP A 80 0.05 -2.43 -6.70
C ASP A 80 0.18 -3.73 -7.50
N GLU A 81 -0.66 -3.89 -8.51
CA GLU A 81 -0.70 -5.11 -9.35
C GLU A 81 -0.40 -4.71 -10.80
N GLU A 82 0.34 -5.56 -11.50
CA GLU A 82 0.63 -5.36 -12.95
C GLU A 82 0.75 -6.72 -13.60
N LEU A 83 0.12 -6.87 -14.77
CA LEU A 83 0.08 -8.08 -15.63
C LEU A 83 1.38 -8.88 -15.52
N LYS A 84 2.52 -8.25 -15.83
CA LYS A 84 3.86 -8.87 -15.88
C LYS A 84 4.86 -7.76 -16.19
N ILE A 85 6.05 -7.91 -15.62
CA ILE A 85 7.19 -6.96 -15.69
C ILE A 85 8.39 -7.75 -16.22
N SER A 86 9.28 -7.08 -16.96
CA SER A 86 10.55 -7.63 -17.50
C SER A 86 11.51 -8.04 -16.38
N ARG A 87 12.08 -9.24 -16.47
CA ARG A 87 13.09 -9.80 -15.54
C ARG A 87 12.51 -9.81 -14.14
N PHE A 88 11.20 -10.02 -14.01
CA PHE A 88 10.49 -9.91 -12.70
C PHE A 88 9.33 -10.87 -12.63
N ASN A 89 9.36 -11.77 -11.63
CA ASN A 89 8.24 -12.68 -11.26
C ASN A 89 7.45 -12.10 -10.08
N GLN A 90 6.17 -12.44 -10.01
CA GLN A 90 5.19 -11.95 -9.01
C GLN A 90 4.85 -13.16 -8.12
N CYS A 91 4.64 -12.97 -6.82
CA CYS A 91 3.88 -13.91 -5.97
C CYS A 91 3.15 -13.11 -4.88
N VAL A 92 2.33 -13.77 -4.05
CA VAL A 92 1.53 -13.10 -2.99
C VAL A 92 2.16 -13.41 -1.64
N LEU A 93 2.59 -12.40 -0.87
CA LEU A 93 3.11 -12.56 0.53
C LEU A 93 1.98 -12.70 1.51
N GLY A 94 0.92 -11.90 1.35
CA GLY A 94 -0.30 -12.00 2.18
C GLY A 94 -1.26 -10.89 1.87
N TYR A 95 -2.07 -10.51 2.86
CA TYR A 95 -3.19 -9.54 2.76
C TYR A 95 -3.02 -8.45 3.83
N THR A 96 -3.61 -7.28 3.58
CA THR A 96 -3.55 -6.10 4.48
C THR A 96 -4.85 -5.32 4.30
N LYS A 97 -5.18 -4.46 5.28
CA LYS A 97 -6.46 -3.72 5.34
C LYS A 97 -6.25 -2.28 4.89
N ALA A 98 -7.30 -1.69 4.38
CA ALA A 98 -7.36 -0.29 3.96
C ALA A 98 -8.77 0.18 4.28
N PHE A 99 -8.92 1.42 4.70
CA PHE A 99 -10.26 2.01 4.89
C PHE A 99 -10.39 3.24 4.02
N VAL A 100 -11.62 3.49 3.58
CA VAL A 100 -12.05 4.83 3.12
C VAL A 100 -12.37 5.64 4.37
N VAL A 101 -11.66 6.76 4.56
CA VAL A 101 -11.82 7.67 5.73
C VAL A 101 -12.20 9.07 5.20
N ALA A 102 -12.91 9.83 6.05
CA ALA A 102 -13.22 11.27 5.86
C ALA A 102 -13.41 11.95 7.23
N HIS A 103 -13.49 13.29 7.25
CA HIS A 103 -13.76 14.03 8.52
C HIS A 103 -15.13 13.61 9.03
N PRO A 104 -15.30 13.27 10.33
CA PRO A 104 -16.57 12.75 10.82
C PRO A 104 -17.79 13.65 10.52
N GLN A 105 -17.56 14.92 10.18
CA GLN A 105 -18.63 15.90 9.86
C GLN A 105 -18.94 15.79 8.37
N HIS A 106 -18.09 15.09 7.62
CA HIS A 106 -18.14 14.95 6.15
C HIS A 106 -19.55 14.55 5.73
N PRO A 107 -20.08 15.15 4.64
CA PRO A 107 -21.39 14.78 4.08
C PRO A 107 -21.65 13.27 3.95
N LEU A 108 -20.61 12.45 3.80
CA LEU A 108 -20.80 11.00 3.54
C LEU A 108 -20.87 10.26 4.85
N CYS A 109 -20.48 10.88 5.95
CA CYS A 109 -20.65 10.17 7.24
C CYS A 109 -22.14 10.06 7.47
N ASN A 110 -22.66 8.83 7.35
CA ASN A 110 -24.06 8.46 7.71
C ASN A 110 -25.07 9.01 6.69
N ALA A 111 -25.14 10.32 6.44
CA ALA A 111 -26.23 10.97 5.66
C ALA A 111 -26.29 10.34 4.27
N SER A 112 -25.14 10.09 3.64
CA SER A 112 -25.04 9.44 2.31
C SER A 112 -24.22 8.14 2.43
N LEU A 113 -23.98 7.67 3.65
CA LEU A 113 -23.02 6.56 3.89
C LEU A 113 -23.45 5.32 3.09
N HIS A 114 -24.73 4.96 3.23
CA HIS A 114 -25.40 3.83 2.53
C HIS A 114 -25.26 4.01 1.02
N SER A 115 -25.04 5.24 0.50
CA SER A 115 -24.92 5.57 -0.94
C SER A 115 -23.75 4.81 -1.56
N ILE A 116 -22.60 4.84 -0.87
CA ILE A 116 -21.34 4.12 -1.25
C ILE A 116 -20.76 4.74 -2.54
N ALA A 117 -21.47 4.77 -3.67
CA ALA A 117 -20.93 5.20 -4.98
C ALA A 117 -20.96 6.73 -5.09
N SER A 118 -21.41 7.43 -4.04
CA SER A 118 -21.33 8.91 -3.93
C SER A 118 -19.88 9.40 -4.01
N LEU A 119 -18.92 8.60 -3.52
CA LEU A 119 -17.45 8.90 -3.52
C LEU A 119 -16.99 9.57 -4.82
N ALA A 120 -17.53 9.21 -5.98
CA ALA A 120 -17.14 9.77 -7.29
C ALA A 120 -17.48 11.27 -7.39
N ASN A 121 -18.36 11.77 -6.52
CA ASN A 121 -18.95 13.13 -6.56
C ASN A 121 -18.27 14.04 -5.55
N TYR A 122 -17.67 13.48 -4.51
CA TYR A 122 -16.86 14.22 -3.50
C TYR A 122 -15.38 14.18 -3.84
N ARG A 123 -14.61 15.13 -3.29
CA ARG A 123 -13.18 15.31 -3.64
C ARG A 123 -12.41 14.17 -2.96
N GLN A 124 -11.57 13.51 -3.75
CA GLN A 124 -10.65 12.44 -3.29
C GLN A 124 -9.26 13.05 -3.08
N ILE A 125 -8.62 12.70 -1.95
CA ILE A 125 -7.17 12.88 -1.72
C ILE A 125 -6.46 11.58 -2.14
N SER A 126 -5.92 11.57 -3.37
CA SER A 126 -5.29 10.37 -4.02
C SER A 126 -3.77 10.50 -3.92
N LEU A 127 -3.06 9.39 -3.81
CA LEU A 127 -1.59 9.38 -3.98
C LEU A 127 -1.33 9.75 -5.44
N GLY A 128 -0.55 10.81 -5.67
CA GLY A 128 0.03 11.07 -7.00
C GLY A 128 1.13 10.08 -7.32
N SER A 129 1.42 9.91 -8.61
CA SER A 129 2.61 9.18 -9.13
C SER A 129 3.57 10.17 -9.81
N ARG A 130 4.87 10.05 -9.56
CA ARG A 130 5.95 10.73 -10.32
C ARG A 130 5.74 10.50 -11.83
N SER A 131 5.36 9.29 -12.21
CA SER A 131 5.20 8.93 -13.64
C SER A 131 3.97 9.65 -14.20
N GLY A 132 3.12 10.19 -13.32
CA GLY A 132 1.91 10.95 -13.69
C GLY A 132 0.73 10.05 -14.00
N GLN A 133 0.97 8.78 -14.33
CA GLN A 133 -0.12 7.79 -14.60
C GLN A 133 -0.19 6.74 -13.47
N HIS A 134 -1.32 6.05 -13.33
CA HIS A 134 -1.70 5.18 -12.19
C HIS A 134 -2.21 3.83 -12.70
N SER A 135 -2.06 2.76 -11.90
CA SER A 135 -2.69 1.43 -12.16
C SER A 135 -4.20 1.60 -12.05
N ASN A 136 -4.96 0.59 -12.49
CA ASN A 136 -6.43 0.47 -12.24
C ASN A 136 -6.64 0.56 -10.72
N LEU A 137 -5.85 -0.21 -9.97
CA LEU A 137 -5.98 -0.33 -8.50
C LEU A 137 -5.89 1.05 -7.86
N LEU A 138 -4.90 1.90 -8.21
CA LEU A 138 -4.53 3.11 -7.40
C LEU A 138 -4.94 4.41 -8.10
N ARG A 139 -5.39 4.31 -9.36
CA ARG A 139 -6.08 5.40 -10.11
C ARG A 139 -7.20 6.00 -9.26
N PRO A 140 -7.29 7.34 -9.16
CA PRO A 140 -8.39 7.99 -8.44
C PRO A 140 -9.78 7.67 -9.03
N VAL A 141 -10.83 7.73 -8.21
CA VAL A 141 -12.21 7.31 -8.63
C VAL A 141 -13.09 8.54 -8.81
N SER A 142 -12.89 9.62 -8.04
CA SER A 142 -13.57 10.94 -8.23
C SER A 142 -12.92 11.73 -9.35
N ASP A 143 -13.70 12.62 -9.97
CA ASP A 143 -13.19 13.62 -10.94
C ASP A 143 -12.51 14.74 -10.15
N LYS A 144 -13.07 15.10 -8.99
CA LYS A 144 -12.39 16.09 -8.12
C LYS A 144 -11.36 15.32 -7.29
N VAL A 145 -10.10 15.43 -7.72
CA VAL A 145 -8.89 14.76 -7.15
C VAL A 145 -7.99 15.85 -6.60
N LEU A 146 -7.29 15.56 -5.52
CA LEU A 146 -6.16 16.40 -5.04
C LEU A 146 -5.02 15.46 -4.67
N PHE A 147 -3.97 15.43 -5.50
CA PHE A 147 -2.86 14.44 -5.42
C PHE A 147 -1.89 14.78 -4.26
N VAL A 148 -1.31 13.77 -3.62
CA VAL A 148 -0.25 13.97 -2.59
C VAL A 148 0.84 12.90 -2.79
N GLU A 149 1.98 13.03 -2.09
CA GLU A 149 3.16 12.15 -2.25
C GLU A 149 3.02 10.92 -1.36
N ASN A 150 2.40 11.09 -0.18
CA ASN A 150 2.41 10.05 0.89
C ASN A 150 1.09 10.09 1.68
N PHE A 151 0.88 9.07 2.50
CA PHE A 151 -0.36 8.89 3.29
C PHE A 151 -0.46 9.93 4.42
N ASP A 152 0.65 10.50 4.89
CA ASP A 152 0.61 11.54 5.96
C ASP A 152 -0.11 12.77 5.39
N ASP A 153 0.46 13.36 4.35
CA ASP A 153 -0.19 14.48 3.61
C ASP A 153 -1.65 14.14 3.36
N MET A 154 -1.94 12.93 2.85
CA MET A 154 -3.33 12.56 2.52
C MET A 154 -4.21 12.82 3.75
N LEU A 155 -3.86 12.22 4.89
CA LEU A 155 -4.75 12.20 6.07
C LEU A 155 -4.78 13.59 6.71
N ARG A 156 -3.69 14.34 6.65
CA ARG A 156 -3.64 15.73 7.14
C ARG A 156 -4.80 16.49 6.47
N LEU A 157 -4.85 16.50 5.14
CA LEU A 157 -5.94 17.08 4.30
C LEU A 157 -7.30 16.44 4.59
N VAL A 158 -7.38 15.15 4.91
CA VAL A 158 -8.67 14.44 5.15
C VAL A 158 -9.22 14.86 6.52
N GLU A 159 -8.34 15.12 7.51
CA GLU A 159 -8.73 15.62 8.87
C GLU A 159 -9.29 17.03 8.75
N ALA A 160 -8.69 17.82 7.86
CA ALA A 160 -9.08 19.20 7.50
C ALA A 160 -10.41 19.24 6.73
N GLY A 161 -11.05 18.11 6.52
CA GLY A 161 -12.34 18.02 5.79
C GLY A 161 -12.22 18.35 4.31
N VAL A 162 -11.02 18.38 3.73
CA VAL A 162 -10.80 18.79 2.31
C VAL A 162 -11.34 17.74 1.33
N GLY A 163 -11.23 16.47 1.69
CA GLY A 163 -11.79 15.35 0.91
C GLY A 163 -11.69 14.03 1.68
N TRP A 164 -12.09 12.94 1.03
CA TRP A 164 -11.99 11.55 1.56
C TRP A 164 -10.76 10.93 0.93
N GLY A 165 -10.25 9.83 1.50
CA GLY A 165 -9.13 9.05 0.92
C GLY A 165 -9.10 7.61 1.40
N ILE A 166 -8.41 6.74 0.67
CA ILE A 166 -8.17 5.31 1.04
C ILE A 166 -6.77 5.23 1.64
N ALA A 167 -6.64 4.89 2.92
CA ALA A 167 -5.33 4.72 3.57
C ALA A 167 -5.22 3.33 4.19
N PRO A 168 -3.97 2.87 4.32
CA PRO A 168 -3.66 1.63 5.02
C PRO A 168 -4.19 1.66 6.46
N HIS A 169 -4.35 0.50 7.07
CA HIS A 169 -4.93 0.37 8.42
C HIS A 169 -3.99 1.03 9.41
N TYR A 170 -2.71 0.72 9.31
CA TYR A 170 -1.72 1.15 10.33
C TYR A 170 -1.72 2.68 10.42
N PHE A 171 -2.10 3.42 9.38
CA PHE A 171 -2.13 4.90 9.32
C PHE A 171 -3.39 5.51 9.93
N VAL A 172 -4.49 4.77 10.01
CA VAL A 172 -5.77 5.34 10.52
C VAL A 172 -6.17 4.68 11.85
N GLU A 173 -5.34 3.76 12.37
CA GLU A 173 -5.64 3.11 13.67
C GLU A 173 -5.89 4.22 14.68
N GLU A 174 -4.87 5.01 15.03
CA GLU A 174 -4.96 6.04 16.09
C GLU A 174 -6.18 6.93 15.82
N ARG A 175 -6.20 7.63 14.69
CA ARG A 175 -7.20 8.67 14.38
C ARG A 175 -8.64 8.14 14.51
N LEU A 176 -8.90 6.85 14.26
CA LEU A 176 -10.28 6.29 14.34
C LEU A 176 -10.67 6.12 15.82
N ARG A 177 -9.73 5.68 16.65
CA ARG A 177 -9.91 5.62 18.13
C ARG A 177 -10.15 7.03 18.68
N ASN A 178 -9.33 7.99 18.26
CA ASN A 178 -9.44 9.42 18.63
C ASN A 178 -10.74 10.08 18.12
N GLY A 179 -11.40 9.56 17.08
CA GLY A 179 -12.59 10.18 16.49
C GLY A 179 -12.24 11.34 15.53
N THR A 180 -10.94 11.65 15.38
CA THR A 180 -10.42 12.61 14.35
C THR A 180 -10.94 12.23 12.96
N LEU A 181 -11.00 10.93 12.66
CA LEU A 181 -11.37 10.33 11.34
C LEU A 181 -12.52 9.35 11.53
N ALA A 182 -13.32 9.17 10.47
CA ALA A 182 -14.42 8.18 10.40
C ALA A 182 -14.29 7.31 9.15
N VAL A 183 -14.62 6.02 9.28
CA VAL A 183 -14.69 5.03 8.18
C VAL A 183 -15.95 5.21 7.31
N LEU A 184 -15.82 5.20 5.98
CA LEU A 184 -16.98 5.13 5.06
C LEU A 184 -17.14 3.73 4.46
N SER A 185 -16.12 2.88 4.53
CA SER A 185 -15.97 1.63 3.74
C SER A 185 -16.72 0.43 4.37
N GLU A 186 -17.32 0.54 5.55
CA GLU A 186 -17.76 -0.68 6.29
C GLU A 186 -18.87 -1.43 5.54
N LEU A 187 -19.82 -0.74 4.91
CA LEU A 187 -20.88 -1.41 4.11
C LEU A 187 -20.29 -1.97 2.82
N TYR A 188 -19.32 -1.31 2.20
CA TYR A 188 -18.70 -1.78 0.92
C TYR A 188 -18.00 -3.12 1.20
N GLU A 189 -17.21 -3.12 2.28
CA GLU A 189 -16.42 -4.30 2.70
C GLU A 189 -16.27 -4.29 4.22
N PRO A 190 -17.17 -4.98 4.94
CA PRO A 190 -17.00 -5.16 6.38
C PRO A 190 -15.60 -5.65 6.71
N GLY A 191 -14.98 -5.06 7.73
CA GLY A 191 -13.69 -5.49 8.30
C GLY A 191 -12.54 -4.72 7.72
N GLY A 192 -12.84 -3.77 6.84
CA GLY A 192 -11.84 -3.11 5.98
C GLY A 192 -11.69 -3.80 4.64
N ILE A 193 -11.07 -3.08 3.71
CA ILE A 193 -10.86 -3.47 2.29
C ILE A 193 -9.63 -4.39 2.22
N ASP A 194 -9.82 -5.69 1.93
CA ASP A 194 -8.70 -6.64 1.88
C ASP A 194 -7.92 -6.28 0.64
N THR A 195 -6.60 -6.21 0.76
CA THR A 195 -5.69 -5.76 -0.31
C THR A 195 -4.52 -6.73 -0.35
N LYS A 196 -4.27 -7.42 -1.47
CA LYS A 196 -3.13 -8.36 -1.57
C LYS A 196 -1.82 -7.58 -1.49
N VAL A 197 -0.83 -8.18 -0.84
CA VAL A 197 0.57 -7.72 -0.90
C VAL A 197 1.36 -8.65 -1.82
N TYR A 198 1.85 -8.11 -2.92
CA TYR A 198 2.64 -8.84 -3.93
C TYR A 198 4.11 -8.70 -3.56
N CYS A 199 4.87 -9.74 -3.88
CA CYS A 199 6.36 -9.72 -3.92
C CYS A 199 6.80 -9.80 -5.39
N TYR A 200 7.31 -8.71 -5.96
CA TYR A 200 7.97 -8.73 -7.29
C TYR A 200 9.46 -8.96 -7.05
N TYR A 201 10.03 -10.00 -7.66
CA TYR A 201 11.39 -10.48 -7.39
C TYR A 201 12.13 -10.76 -8.70
N ASN A 202 13.35 -10.22 -8.81
CA ASN A 202 14.25 -10.47 -9.96
C ASN A 202 14.33 -11.99 -10.15
N THR A 203 14.19 -12.41 -11.40
CA THR A 203 13.96 -13.81 -11.84
C THR A 203 15.11 -14.67 -11.29
N ALA A 204 16.32 -14.10 -11.27
CA ALA A 204 17.59 -14.66 -10.75
C ALA A 204 17.40 -15.39 -9.42
N LEU A 205 16.58 -14.86 -8.50
CA LEU A 205 16.50 -15.36 -7.09
C LEU A 205 15.71 -16.66 -7.01
N GLU A 206 15.01 -17.01 -8.09
CA GLU A 206 13.93 -18.03 -8.09
C GLU A 206 14.47 -19.40 -7.65
N SER A 207 15.79 -19.60 -7.74
CA SER A 207 16.47 -20.90 -7.50
C SER A 207 17.02 -21.00 -6.07
N GLU A 208 17.73 -19.98 -5.57
CA GLU A 208 18.51 -20.08 -4.29
C GLU A 208 17.56 -20.21 -3.09
N ARG A 209 17.85 -21.18 -2.20
CA ARG A 209 17.02 -21.51 -1.01
C ARG A 209 16.82 -20.26 -0.14
N SER A 210 17.74 -19.29 -0.21
CA SER A 210 17.74 -18.01 0.56
C SER A 210 16.42 -17.26 0.39
N PHE A 211 16.02 -17.02 -0.86
CA PHE A 211 14.75 -16.34 -1.24
C PHE A 211 13.56 -17.11 -0.65
N LEU A 212 13.50 -18.43 -0.87
CA LEU A 212 12.40 -19.31 -0.36
C LEU A 212 12.26 -19.20 1.17
N ARG A 213 13.38 -19.09 1.91
CA ARG A 213 13.38 -18.95 3.40
C ARG A 213 12.65 -17.66 3.75
N PHE A 214 12.97 -16.63 2.96
CA PHE A 214 12.46 -15.23 3.11
C PHE A 214 10.94 -15.21 2.92
N LEU A 215 10.46 -15.78 1.80
CA LEU A 215 9.01 -15.97 1.50
C LEU A 215 8.35 -16.68 2.69
N GLU A 216 8.84 -17.88 3.05
CA GLU A 216 8.23 -18.70 4.13
C GLU A 216 8.00 -17.81 5.36
N SER A 217 9.09 -17.22 5.85
CA SER A 217 9.09 -16.34 7.03
C SER A 217 8.12 -15.19 6.79
N ALA A 218 8.32 -14.48 5.68
CA ALA A 218 7.60 -13.25 5.32
C ALA A 218 6.08 -13.50 5.30
N ARG A 219 5.72 -14.70 4.83
CA ARG A 219 4.32 -15.14 4.70
C ARG A 219 3.79 -15.37 6.12
N GLN A 220 4.49 -16.19 6.91
CA GLN A 220 4.11 -16.46 8.33
C GLN A 220 4.02 -15.11 9.04
N ARG A 221 5.07 -14.33 8.93
CA ARG A 221 5.24 -13.05 9.65
C ARG A 221 4.18 -12.01 9.24
N LEU A 222 3.56 -12.11 8.06
CA LEU A 222 2.46 -11.17 7.72
C LEU A 222 1.08 -11.81 7.99
N ARG A 223 0.99 -13.15 8.05
CA ARG A 223 -0.24 -13.93 8.43
C ARG A 223 -0.72 -13.47 9.81
N GLU A 224 0.21 -13.42 10.76
CA GLU A 224 -0.11 -13.21 12.19
C GLU A 224 -0.30 -11.72 12.47
N LEU A 225 -0.08 -10.86 11.49
CA LEU A 225 -0.29 -9.39 11.65
C LEU A 225 -1.77 -9.03 11.38
N GLY A 226 -2.63 -9.98 10.98
CA GLY A 226 -4.06 -9.73 10.65
C GLY A 226 -4.92 -9.49 11.88
S1 Q4E B . -11.88 -0.35 -2.94
C2 Q4E B . -12.56 2.27 -3.61
C3 Q4E B . -12.48 2.99 -2.26
C4 Q4E B . -13.97 1.68 -3.74
C5 Q4E B . -11.54 1.17 -3.67
C6 Q4E B . -9.64 0.19 -4.01
C8 Q4E B . -6.89 1.94 -3.71
C10 Q4E B . -4.62 2.48 -1.02
C11 Q4E B . -4.05 1.82 0.02
C1 Q4E B . -12.28 3.22 -4.76
N1 Q4E B . -10.35 1.29 -4.20
C7 Q4E B . -8.24 0.09 -4.54
N2 Q4E B . -7.28 0.64 -3.58
N3 Q4E B . -6.06 2.56 -2.94
C9 Q4E B . -5.54 1.83 -1.88
C12 Q4E B . -4.37 0.48 0.23
CL1 Q4E B . -3.65 -0.32 1.60
C13 Q4E B . -5.25 -0.19 -0.57
C14 Q4E B . -5.86 0.48 -1.65
C15 Q4E B . -6.82 -0.17 -2.56
O1 Q4E B . -7.19 -1.34 -2.50
C16 Q4E B . -10.29 -0.79 -3.37
H6 Q4E B . -12.28 3.93 -2.41
H4 Q4E B . -11.76 2.60 -1.73
H5 Q4E B . -13.32 2.90 -1.78
H8 Q4E B . -14.61 2.39 -3.92
H9 Q4E B . -14.22 1.23 -2.91
H7 Q4E B . -13.99 1.03 -4.47
H12 Q4E B . -7.25 2.43 -4.41
H13 Q4E B . -4.40 3.38 -1.18
H14 Q4E B . -3.44 2.25 0.59
H3 Q4E B . -13.09 3.69 -5.02
H1 Q4E B . -11.94 2.73 -5.53
H2 Q4E B . -11.60 3.88 -4.48
H11 Q4E B . -8.03 -0.84 -4.71
H10 Q4E B . -8.19 0.58 -5.38
H15 Q4E B . -5.47 -1.09 -0.40
H16 Q4E B . -9.88 -1.65 -3.17
C1 GOL C . -16.85 20.19 -3.03
O1 GOL C . -16.93 21.33 -2.18
C2 GOL C . -16.76 18.89 -2.24
O2 GOL C . -16.48 17.82 -3.13
C3 GOL C . -15.73 18.92 -1.13
O3 GOL C . -15.74 17.73 -0.34
H11 GOL C . -16.05 20.27 -3.61
H12 GOL C . -17.65 20.15 -3.62
HO1 GOL C . -17.01 22.01 -2.67
H2 GOL C . -17.66 18.73 -1.83
HO2 GOL C . -15.77 17.43 -2.83
H31 GOL C . -15.90 19.70 -0.55
H32 GOL C . -14.83 19.04 -1.53
HO3 GOL C . -15.86 17.06 -0.88
#